data_8VQV
#
_entry.id   8VQV
#
_cell.length_a   41.035
_cell.length_b   41.035
_cell.length_c   237.398
_cell.angle_alpha   90.00
_cell.angle_beta   90.00
_cell.angle_gamma   90.00
#
_symmetry.space_group_name_H-M   'P 43 21 2'
#
loop_
_entity.id
_entity.type
_entity.pdbx_description
1 polymer 'RNA (64-MER)'
2 non-polymer 'MAGNESIUM ION'
3 non-polymer 5-amino-1-(pyridin-3-yl)-1H-imidazole-4-carboxamide
4 water water
#
_entity_poly.entity_id   1
_entity_poly.type   'polyribonucleotide'
_entity_poly.pdbx_seq_one_letter_code
;GGGUCGUGACUGGCGAACAGGUGGGAAACCACCGGGGAGCGACCCUUGCCGCCCGCCUGGGCAA
;
_entity_poly.pdbx_strand_id   A
#
loop_
_chem_comp.id
_chem_comp.type
_chem_comp.name
_chem_comp.formula
A RNA linking ADENOSINE-5'-MONOPHOSPHATE 'C10 H14 N5 O7 P'
C RNA linking CYTIDINE-5'-MONOPHOSPHATE 'C9 H14 N3 O8 P'
G RNA linking GUANOSINE-5'-MONOPHOSPHATE 'C10 H14 N5 O8 P'
MG non-polymer 'MAGNESIUM ION' 'Mg 2'
U RNA linking URIDINE-5'-MONOPHOSPHATE 'C9 H13 N2 O9 P'
UG4 non-polymer 5-amino-1-(pyridin-3-yl)-1H-imidazole-4-carboxamide 'C9 H9 N5 O'
#
# COMPACT_ATOMS: atom_id res chain seq x y z
MG MG B . 5.37 3.15 -2.36
MG MG C . -2.13 -59.87 10.26
C10 UG4 D . -1.47 3.57 0.21
N12 UG4 D . -2.05 3.87 2.49
C13 UG4 D . -3.19 3.23 2.32
C15 UG4 D . -2.66 2.91 -0.01
C02 UG4 D . 0.70 3.71 -0.72
C03 UG4 D . 1.15 4.11 -1.97
C04 UG4 D . 2.60 4.18 -2.40
C08 UG4 D . -0.98 4.24 -1.94
C11 UG4 D . -1.21 4.05 1.49
C14 UG4 D . -3.53 2.73 1.07
N01 UG4 D . 1.54 3.29 0.37
N05 UG4 D . 2.94 5.00 -3.56
N07 UG4 D . 0.10 4.44 -2.68
N09 UG4 D . -0.62 3.80 -0.76
O06 UG4 D . 3.43 3.60 -1.80
#